data_7TE5
#
_entry.id   7TE5
#
_cell.length_a   66.442
_cell.length_b   66.442
_cell.length_c   122.546
_cell.angle_alpha   90.000
_cell.angle_beta   90.000
_cell.angle_gamma   120.000
#
_symmetry.space_group_name_H-M   'P 31'
#
loop_
_entity.id
_entity.type
_entity.pdbx_description
1 polymer 'Pirin family protein Yhak'
2 non-polymer 'MAGNESIUM ION'
3 water water
#
_entity_poly.entity_id   1
_entity_poly.type   'polypeptide(L)'
_entity_poly.pdbx_seq_one_letter_code
;SNA(MSE)KKVQGIYRAPRQHWVGDGFPVRS(MSE)FSYQSHGKQLSPFLLLDYAGP(MSE)DFTPTTQRRGVGQHPHRG
FETVTIVYHGEVEHRDSTGNGGIIGPGDVQW(MSE)TAGAGILHEEFHSDAFAQKGGPFE(MSE)VQLWVNLPAKDK
(MSE)TAPGYQAIRREAIPQVNLPDDAGNLRVIAGEYAGNIGPAKTFSPLNVWDIRLTQGKSCEFSLPAGWNTALIVLHG
TLLVNGDAIAREAE(MSE)VLLDPTGTHLSIEANNDTVLLLLSGEPIDEPIVGYGPFV(MSE)NTQAQIAEAIADFNGGR
FGN(MSE)DVA
;
_entity_poly.pdbx_strand_id   A,B
#
loop_
_chem_comp.id
_chem_comp.type
_chem_comp.name
_chem_comp.formula
MG non-polymer 'MAGNESIUM ION' 'Mg 2'
#
# COMPACT_ATOMS: atom_id res chain seq x y z
N ALA A 3 29.17 -22.20 14.82
CA ALA A 3 27.78 -21.92 15.18
C ALA A 3 27.08 -21.15 14.06
N MSE A 4 26.47 -21.87 13.13
N MSE A 4 26.49 -21.89 13.13
CA MSE A 4 25.84 -21.26 11.96
CA MSE A 4 25.73 -21.32 12.03
C MSE A 4 24.49 -20.61 12.29
C MSE A 4 24.55 -20.49 12.49
O MSE A 4 23.68 -21.20 13.02
O MSE A 4 23.91 -20.81 13.50
CB MSE A 4 25.64 -22.30 10.85
CB MSE A 4 25.22 -22.43 11.11
CG MSE A 4 25.61 -21.71 9.44
CG MSE A 4 26.05 -22.68 9.87
SE MSE A 4 27.37 -21.72 8.57
SE MSE A 4 24.89 -23.05 8.34
CE MSE A 4 27.04 -20.47 7.13
CE MSE A 4 23.54 -24.14 9.22
N LYS A 5 24.25 -19.41 11.76
CA LYS A 5 22.96 -18.75 11.88
C LYS A 5 22.04 -19.42 10.86
N LYS A 6 21.30 -20.43 11.34
CA LYS A 6 20.44 -21.23 10.50
C LYS A 6 19.41 -20.38 9.76
N VAL A 7 19.06 -20.79 8.54
CA VAL A 7 17.94 -20.20 7.82
C VAL A 7 16.66 -20.68 8.49
N GLN A 8 15.91 -19.75 9.10
CA GLN A 8 14.64 -20.11 9.72
C GLN A 8 13.45 -19.80 8.84
N GLY A 9 13.63 -18.99 7.80
CA GLY A 9 12.55 -18.65 6.90
C GLY A 9 13.03 -17.95 5.64
N ILE A 10 12.33 -18.17 4.53
CA ILE A 10 12.61 -17.48 3.29
C ILE A 10 11.27 -17.18 2.61
N TYR A 11 11.17 -15.98 2.03
CA TYR A 11 9.89 -15.40 1.67
C TYR A 11 9.93 -14.94 0.22
N ARG A 12 8.90 -15.32 -0.54
CA ARG A 12 8.81 -14.94 -1.94
C ARG A 12 8.58 -13.43 -2.04
N ALA A 13 8.88 -12.90 -3.22
CA ALA A 13 8.70 -11.48 -3.45
C ALA A 13 7.23 -11.11 -3.38
N PRO A 14 6.87 -10.01 -2.72
CA PRO A 14 5.48 -9.60 -2.60
C PRO A 14 5.00 -8.88 -3.85
N ARG A 15 3.69 -8.67 -3.90
CA ARG A 15 3.12 -7.79 -4.90
C ARG A 15 3.55 -6.35 -4.65
N GLN A 16 3.93 -5.67 -5.72
CA GLN A 16 4.25 -4.25 -5.62
C GLN A 16 2.97 -3.45 -5.43
N HIS A 17 3.03 -2.45 -4.56
CA HIS A 17 1.88 -1.62 -4.27
C HIS A 17 2.32 -0.19 -4.07
N TRP A 18 1.39 0.73 -4.26
CA TRP A 18 1.70 2.15 -4.31
C TRP A 18 1.50 2.80 -2.95
N VAL A 19 2.51 3.53 -2.51
CA VAL A 19 2.43 4.38 -1.32
C VAL A 19 2.48 5.82 -1.83
N GLY A 20 1.33 6.47 -1.88
N GLY A 20 1.33 6.49 -1.84
CA GLY A 20 1.26 7.75 -2.55
CA GLY A 20 1.29 7.86 -2.28
C GLY A 20 1.34 7.57 -4.06
C GLY A 20 1.40 7.95 -3.79
N ASP A 21 1.97 8.54 -4.73
N ASP A 21 2.18 8.94 -4.25
CA ASP A 21 2.20 8.45 -6.16
CA ASP A 21 2.34 9.21 -5.67
C ASP A 21 3.67 8.51 -6.52
C ASP A 21 3.66 8.69 -6.23
N GLY A 22 4.57 8.45 -5.55
N GLY A 22 4.74 8.73 -5.46
CA GLY A 22 5.99 8.53 -5.85
CA GLY A 22 6.07 8.48 -5.99
C GLY A 22 6.78 7.29 -5.48
C GLY A 22 6.81 7.27 -5.50
N PHE A 23 6.17 6.37 -4.74
CA PHE A 23 6.86 5.21 -4.19
C PHE A 23 6.15 3.90 -4.52
N PRO A 24 6.61 3.18 -5.56
CA PRO A 24 6.04 1.85 -5.86
C PRO A 24 6.77 0.75 -5.10
N VAL A 25 6.24 0.35 -3.96
CA VAL A 25 6.99 -0.42 -2.98
C VAL A 25 6.58 -1.89 -3.02
N ARG A 26 7.57 -2.75 -2.84
CA ARG A 26 7.36 -4.14 -2.44
C ARG A 26 7.70 -4.24 -0.97
N SER A 27 6.71 -4.55 -0.14
CA SER A 27 6.86 -4.54 1.31
C SER A 27 7.48 -5.86 1.76
N MSE A 28 8.69 -5.80 2.30
CA MSE A 28 9.43 -7.01 2.65
C MSE A 28 8.96 -7.61 3.96
O MSE A 28 8.83 -8.83 4.07
CB MSE A 28 10.92 -6.72 2.73
CG MSE A 28 11.48 -5.97 1.54
SE MSE A 28 12.10 -7.09 0.09
CE MSE A 28 10.41 -7.40 -0.78
N PHE A 29 8.73 -6.78 4.98
CA PHE A 29 8.21 -7.28 6.23
C PHE A 29 7.56 -6.15 7.00
N SER A 30 6.69 -6.52 7.94
CA SER A 30 6.07 -5.59 8.85
C SER A 30 6.08 -6.22 10.24
N TYR A 31 6.14 -5.35 11.25
CA TYR A 31 6.37 -5.81 12.62
C TYR A 31 5.24 -6.71 13.12
N GLN A 32 4.01 -6.44 12.72
CA GLN A 32 2.88 -7.12 13.34
C GLN A 32 2.99 -8.63 13.20
N SER A 33 3.69 -9.11 12.18
CA SER A 33 4.03 -10.51 12.06
C SER A 33 5.52 -10.79 12.19
N HIS A 34 6.36 -9.75 12.09
CA HIS A 34 7.81 -9.94 12.16
C HIS A 34 8.46 -9.18 13.30
N GLY A 35 7.69 -8.58 14.20
CA GLY A 35 8.23 -7.75 15.26
C GLY A 35 9.20 -8.46 16.18
N LYS A 36 8.75 -9.54 16.82
CA LYS A 36 9.66 -10.31 17.66
C LYS A 36 10.79 -10.90 16.84
N GLN A 37 10.49 -11.30 15.61
CA GLN A 37 11.49 -11.98 14.78
C GLN A 37 12.59 -11.02 14.35
N LEU A 38 12.27 -9.76 14.09
CA LEU A 38 13.19 -8.85 13.43
C LEU A 38 13.57 -7.65 14.26
N SER A 39 13.21 -7.62 15.54
CA SER A 39 13.64 -6.55 16.42
C SER A 39 15.16 -6.37 16.30
N PRO A 40 15.66 -5.13 16.17
CA PRO A 40 14.96 -3.84 16.31
C PRO A 40 14.29 -3.30 15.04
N PHE A 41 14.42 -4.00 13.92
CA PHE A 41 13.84 -3.51 12.68
C PHE A 41 12.33 -3.74 12.66
N LEU A 42 11.60 -2.74 12.17
CA LEU A 42 10.14 -2.77 12.19
C LEU A 42 9.49 -2.92 10.83
N LEU A 43 10.11 -2.40 9.77
CA LEU A 43 9.52 -2.40 8.43
C LEU A 43 10.63 -2.21 7.42
N LEU A 44 10.44 -2.77 6.23
CA LEU A 44 11.31 -2.48 5.10
C LEU A 44 10.49 -2.45 3.82
N ASP A 45 10.44 -1.28 3.20
CA ASP A 45 9.85 -1.09 1.87
C ASP A 45 10.97 -0.99 0.84
N TYR A 46 10.79 -1.68 -0.27
CA TYR A 46 11.75 -1.65 -1.38
C TYR A 46 11.03 -0.96 -2.54
N ALA A 47 11.45 0.27 -2.84
CA ALA A 47 10.82 1.08 -3.87
C ALA A 47 11.57 0.90 -5.18
N GLY A 48 10.84 0.54 -6.23
CA GLY A 48 11.42 0.37 -7.54
C GLY A 48 12.12 -0.96 -7.71
N PRO A 49 13.03 -1.04 -8.70
CA PRO A 49 13.38 0.08 -9.58
C PRO A 49 12.32 0.42 -10.62
N MSE A 50 12.06 1.71 -10.78
CA MSE A 50 11.09 2.20 -11.75
C MSE A 50 11.61 3.44 -12.42
O MSE A 50 12.16 4.32 -11.76
CB MSE A 50 9.75 2.52 -11.07
CG MSE A 50 8.69 2.98 -12.04
SE MSE A 50 6.89 2.89 -11.32
CE MSE A 50 6.54 1.00 -11.67
N ASP A 51 11.48 3.52 -13.74
CA ASP A 51 11.87 4.72 -14.47
C ASP A 51 10.69 5.66 -14.55
N PHE A 52 10.89 6.91 -14.12
CA PHE A 52 9.88 7.95 -14.20
C PHE A 52 10.24 8.91 -15.33
N THR A 53 9.22 9.45 -15.99
CA THR A 53 9.42 10.42 -17.05
C THR A 53 9.35 11.83 -16.47
N PRO A 54 9.81 12.84 -17.22
CA PRO A 54 9.69 14.22 -16.75
C PRO A 54 8.24 14.59 -16.44
N THR A 55 8.05 15.37 -15.38
CA THR A 55 6.73 15.82 -15.00
C THR A 55 6.86 17.12 -14.20
N THR A 56 5.81 17.94 -14.25
CA THR A 56 5.68 19.06 -13.34
C THR A 56 5.06 18.65 -12.01
N GLN A 57 4.50 17.45 -11.95
CA GLN A 57 3.94 16.93 -10.71
C GLN A 57 5.03 16.83 -9.64
N ARG A 58 4.62 16.92 -8.38
CA ARG A 58 5.48 16.55 -7.26
C ARG A 58 4.99 15.21 -6.72
N ARG A 59 5.52 14.13 -7.27
CA ARG A 59 5.14 12.80 -6.79
C ARG A 59 5.76 12.52 -5.43
N GLY A 60 5.01 11.86 -4.57
CA GLY A 60 5.52 11.50 -3.25
C GLY A 60 4.38 11.15 -2.31
N VAL A 61 4.62 11.35 -1.03
CA VAL A 61 3.61 11.12 0.00
C VAL A 61 3.39 12.42 0.76
N GLY A 62 2.12 12.70 1.06
CA GLY A 62 1.78 13.87 1.81
C GLY A 62 2.31 13.81 3.23
N GLN A 63 2.21 14.96 3.89
CA GLN A 63 2.59 15.07 5.29
C GLN A 63 1.81 14.05 6.13
N HIS A 64 2.48 13.47 7.12
CA HIS A 64 1.88 12.49 8.00
C HIS A 64 2.75 12.34 9.23
N PRO A 65 2.19 11.92 10.36
CA PRO A 65 2.97 11.89 11.61
C PRO A 65 3.78 10.60 11.75
N HIS A 66 4.72 10.64 12.69
CA HIS A 66 5.46 9.47 13.13
C HIS A 66 5.77 9.66 14.60
N ARG A 67 5.76 8.57 15.37
CA ARG A 67 6.11 8.63 16.78
C ARG A 67 6.72 7.31 17.23
N GLY A 68 7.86 7.39 17.91
CA GLY A 68 8.38 6.27 18.67
C GLY A 68 9.43 5.41 17.98
N PHE A 69 9.88 5.78 16.79
CA PHE A 69 10.83 4.95 16.05
C PHE A 69 11.61 5.84 15.09
N GLU A 70 12.40 5.20 14.23
CA GLU A 70 13.26 5.88 13.28
C GLU A 70 13.00 5.36 11.87
N THR A 71 13.07 6.26 10.90
CA THR A 71 12.94 5.91 9.49
C THR A 71 14.26 6.17 8.79
N VAL A 72 14.70 5.21 7.99
CA VAL A 72 15.96 5.29 7.26
C VAL A 72 15.65 5.20 5.78
N THR A 73 16.14 6.15 5.01
CA THR A 73 15.98 6.13 3.55
C THR A 73 17.34 5.89 2.93
N ILE A 74 17.43 4.85 2.09
CA ILE A 74 18.66 4.47 1.43
C ILE A 74 18.41 4.57 -0.07
N VAL A 75 19.01 5.55 -0.73
CA VAL A 75 18.75 5.82 -2.14
C VAL A 75 19.80 5.13 -2.99
N TYR A 76 19.35 4.43 -4.03
CA TYR A 76 20.23 3.81 -5.02
C TYR A 76 20.24 4.53 -6.35
N HIS A 77 19.07 5.01 -6.78
CA HIS A 77 18.92 5.83 -7.98
C HIS A 77 17.78 6.80 -7.74
N GLY A 78 17.88 7.98 -8.33
CA GLY A 78 16.87 9.01 -8.14
C GLY A 78 17.23 9.98 -7.04
N GLU A 79 16.29 10.86 -6.74
CA GLU A 79 16.49 11.87 -5.71
C GLU A 79 15.19 12.14 -4.99
N VAL A 80 15.27 12.20 -3.67
CA VAL A 80 14.12 12.45 -2.81
C VAL A 80 14.44 13.63 -1.91
N GLU A 81 13.54 14.59 -1.86
CA GLU A 81 13.61 15.64 -0.86
C GLU A 81 12.72 15.27 0.31
N HIS A 82 13.20 15.52 1.51
CA HIS A 82 12.43 15.28 2.72
C HIS A 82 12.31 16.59 3.48
N ARG A 83 11.16 16.80 4.11
CA ARG A 83 10.93 17.94 4.99
C ARG A 83 10.27 17.45 6.27
N ASP A 84 10.75 17.96 7.41
CA ASP A 84 10.21 17.57 8.71
C ASP A 84 9.92 18.81 9.54
N SER A 85 8.96 18.66 10.47
CA SER A 85 8.51 19.78 11.28
C SER A 85 9.59 20.29 12.22
N THR A 86 10.67 19.53 12.42
CA THR A 86 11.76 19.97 13.27
C THR A 86 12.54 21.10 12.63
N GLY A 87 11.95 21.76 11.63
CA GLY A 87 12.60 22.83 10.91
C GLY A 87 13.58 22.38 9.87
N ASN A 88 13.58 21.10 9.50
CA ASN A 88 14.68 20.51 8.75
C ASN A 88 14.21 19.98 7.40
N GLY A 89 15.18 19.74 6.53
CA GLY A 89 14.87 19.32 5.18
C GLY A 89 16.10 18.79 4.47
N GLY A 90 16.03 18.79 3.14
CA GLY A 90 17.15 18.35 2.34
C GLY A 90 16.85 17.25 1.33
N ILE A 91 17.73 17.09 0.34
CA ILE A 91 17.58 16.10 -0.71
C ILE A 91 18.59 15.00 -0.49
N ILE A 92 18.18 13.76 -0.75
CA ILE A 92 18.99 12.58 -0.55
C ILE A 92 19.10 11.85 -1.90
N GLY A 93 20.32 11.69 -2.39
CA GLY A 93 20.54 11.14 -3.71
C GLY A 93 21.27 9.81 -3.73
N PRO A 94 21.73 9.39 -4.91
CA PRO A 94 22.30 8.04 -5.07
C PRO A 94 23.51 7.83 -4.17
N GLY A 95 23.39 6.86 -3.26
CA GLY A 95 24.40 6.64 -2.26
C GLY A 95 24.14 7.36 -0.95
N ASP A 96 23.33 8.42 -0.96
CA ASP A 96 23.05 9.14 0.27
C ASP A 96 22.05 8.35 1.12
N VAL A 97 22.10 8.61 2.43
CA VAL A 97 21.23 7.96 3.41
C VAL A 97 20.72 9.04 4.36
N GLN A 98 19.45 8.93 4.75
CA GLN A 98 18.93 9.77 5.81
C GLN A 98 18.41 8.89 6.95
N TRP A 99 18.71 9.29 8.20
CA TRP A 99 18.42 8.49 9.39
C TRP A 99 17.58 9.35 10.33
N MSE A 100 16.28 9.42 10.08
CA MSE A 100 15.39 10.29 10.85
C MSE A 100 14.89 9.64 12.12
O MSE A 100 14.29 8.58 12.06
CB MSE A 100 14.17 10.67 10.03
CG MSE A 100 13.25 11.65 10.73
SE MSE A 100 11.75 12.16 9.62
CE MSE A 100 10.72 10.52 9.73
N THR A 101 15.11 10.28 13.26
CA THR A 101 14.49 9.88 14.51
C THR A 101 13.17 10.61 14.66
N ALA A 102 12.06 9.88 14.60
CA ALA A 102 10.76 10.50 14.85
C ALA A 102 10.57 10.75 16.34
N GLY A 103 10.84 9.74 17.16
CA GLY A 103 10.87 9.93 18.61
C GLY A 103 9.53 10.37 19.15
N ALA A 104 9.57 11.40 19.99
CA ALA A 104 8.36 11.91 20.65
C ALA A 104 7.30 12.31 19.64
N GLY A 105 7.71 12.69 18.43
CA GLY A 105 6.76 12.99 17.37
C GLY A 105 7.36 13.86 16.28
N ILE A 106 7.03 13.53 15.02
CA ILE A 106 7.48 14.30 13.87
C ILE A 106 6.35 14.35 12.86
N LEU A 107 6.46 15.26 11.90
CA LEU A 107 5.44 15.48 10.88
C LEU A 107 6.16 15.75 9.56
N HIS A 108 6.27 14.72 8.72
CA HIS A 108 7.14 14.79 7.56
C HIS A 108 6.39 14.41 6.29
N GLU A 109 6.82 15.00 5.18
CA GLU A 109 6.47 14.51 3.84
C GLU A 109 7.76 14.28 3.08
N GLU A 110 7.70 13.36 2.12
CA GLU A 110 8.84 13.05 1.26
C GLU A 110 8.34 12.91 -0.17
N PHE A 111 9.14 13.42 -1.11
CA PHE A 111 8.72 13.47 -2.51
C PHE A 111 9.95 13.51 -3.39
N HIS A 112 9.72 13.32 -4.70
CA HIS A 112 10.80 13.44 -5.66
C HIS A 112 11.29 14.87 -5.70
N SER A 113 12.61 15.04 -5.66
CA SER A 113 13.21 16.37 -5.76
C SER A 113 12.74 17.06 -7.03
N ASP A 114 12.83 18.39 -7.03
CA ASP A 114 12.46 19.13 -8.24
C ASP A 114 13.34 18.72 -9.41
N ALA A 115 14.63 18.49 -9.17
CA ALA A 115 15.53 18.12 -10.24
C ALA A 115 15.15 16.75 -10.83
N PHE A 116 14.75 15.80 -9.98
CA PHE A 116 14.31 14.52 -10.49
C PHE A 116 13.00 14.64 -11.26
N ALA A 117 12.08 15.49 -10.76
CA ALA A 117 10.83 15.72 -11.47
C ALA A 117 11.09 16.27 -12.87
N GLN A 118 12.08 17.15 -13.01
CA GLN A 118 12.37 17.76 -14.30
C GLN A 118 12.92 16.75 -15.31
N LYS A 119 13.86 15.92 -14.87
CA LYS A 119 14.57 15.01 -15.76
C LYS A 119 14.03 13.59 -15.75
N GLY A 120 13.48 13.13 -14.63
CA GLY A 120 13.06 11.74 -14.57
C GLY A 120 14.25 10.80 -14.57
N GLY A 121 13.95 9.51 -14.79
CA GLY A 121 14.97 8.50 -14.85
C GLY A 121 14.70 7.37 -13.88
N PRO A 122 15.70 6.51 -13.69
CA PRO A 122 15.54 5.37 -12.77
C PRO A 122 15.35 5.83 -11.33
N PHE A 123 14.52 5.09 -10.60
CA PHE A 123 14.18 5.43 -9.22
C PHE A 123 14.18 4.15 -8.41
N GLU A 124 14.97 4.11 -7.34
CA GLU A 124 15.14 2.90 -6.55
C GLU A 124 15.64 3.27 -5.17
N MSE A 125 14.93 2.81 -4.14
N MSE A 125 14.91 2.85 -4.14
CA MSE A 125 15.38 3.01 -2.78
CA MSE A 125 15.36 3.05 -2.77
C MSE A 125 14.75 2.05 -1.79
C MSE A 125 14.76 2.04 -1.79
O MSE A 125 13.84 1.30 -2.13
O MSE A 125 13.90 1.25 -2.16
CB MSE A 125 15.10 4.44 -2.32
CB MSE A 125 15.00 4.46 -2.27
CG MSE A 125 13.66 4.86 -2.47
CG MSE A 125 13.97 5.19 -3.08
SE MSE A 125 13.53 6.76 -2.23
SE MSE A 125 13.66 6.93 -2.27
CE MSE A 125 14.75 7.29 -3.67
CE MSE A 125 12.45 6.38 -0.85
N VAL A 126 15.24 2.10 -0.56
CA VAL A 126 14.76 1.27 0.53
C VAL A 126 14.49 2.18 1.71
N GLN A 127 13.31 2.06 2.30
CA GLN A 127 13.01 2.72 3.56
C GLN A 127 12.84 1.68 4.66
N LEU A 128 13.55 1.87 5.75
CA LEU A 128 13.61 0.92 6.85
C LEU A 128 13.12 1.61 8.11
N TRP A 129 12.31 0.89 8.90
CA TRP A 129 11.89 1.38 10.20
C TRP A 129 12.71 0.69 11.28
N VAL A 130 13.24 1.49 12.22
CA VAL A 130 14.06 0.99 13.31
C VAL A 130 13.43 1.45 14.62
N ASN A 131 13.03 0.49 15.45
CA ASN A 131 12.36 0.81 16.69
C ASN A 131 13.30 1.44 17.70
N LEU A 132 12.72 2.15 18.67
CA LEU A 132 13.47 2.80 19.74
C LEU A 132 13.26 2.06 21.07
N PRO A 133 14.26 2.05 21.94
CA PRO A 133 14.04 1.53 23.30
C PRO A 133 12.96 2.35 24.02
N ALA A 134 12.29 1.69 24.96
CA ALA A 134 11.15 2.31 25.64
C ALA A 134 11.55 3.59 26.36
N LYS A 135 12.78 3.66 26.87
CA LYS A 135 13.24 4.85 27.56
C LYS A 135 13.47 6.03 26.61
N ASP A 136 13.57 5.76 25.31
CA ASP A 136 13.79 6.80 24.32
C ASP A 136 12.61 7.00 23.39
N LYS A 137 11.47 6.37 23.69
CA LYS A 137 10.30 6.50 22.82
C LYS A 137 9.89 7.96 22.67
N MSE A 138 9.93 8.72 23.76
CA MSE A 138 9.71 10.16 23.67
C MSE A 138 10.98 10.98 23.55
O MSE A 138 11.05 12.09 24.07
CB MSE A 138 8.94 10.68 24.89
CG MSE A 138 7.47 10.32 24.95
SE MSE A 138 6.62 9.98 23.23
CE MSE A 138 4.78 10.03 23.88
N THR A 139 11.99 10.45 22.86
CA THR A 139 13.19 11.24 22.63
C THR A 139 12.90 12.35 21.62
N ALA A 140 13.82 13.31 21.55
CA ALA A 140 13.65 14.44 20.66
C ALA A 140 13.81 14.00 19.20
N PRO A 141 12.94 14.44 18.31
CA PRO A 141 13.12 14.12 16.89
C PRO A 141 14.32 14.84 16.30
N GLY A 142 15.06 14.12 15.45
CA GLY A 142 16.24 14.66 14.81
C GLY A 142 16.41 14.02 13.45
N TYR A 143 17.51 14.38 12.79
CA TYR A 143 17.78 13.85 11.46
C TYR A 143 19.30 13.76 11.27
N GLN A 144 19.71 12.82 10.42
CA GLN A 144 21.10 12.76 9.96
C GLN A 144 21.07 12.60 8.46
N ALA A 145 21.60 13.58 7.74
CA ALA A 145 21.80 13.46 6.31
C ALA A 145 23.22 12.96 6.09
N ILE A 146 23.35 11.75 5.55
CA ILE A 146 24.63 11.08 5.39
C ILE A 146 24.95 11.00 3.91
N ARG A 147 26.05 11.63 3.50
CA ARG A 147 26.42 11.64 2.10
C ARG A 147 27.09 10.33 1.72
N ARG A 148 26.94 9.96 0.44
CA ARG A 148 27.54 8.73 -0.08
C ARG A 148 29.03 8.66 0.27
N GLU A 149 29.73 9.79 0.17
CA GLU A 149 31.17 9.83 0.42
C GLU A 149 31.51 9.58 1.88
N ALA A 150 30.54 9.71 2.78
CA ALA A 150 30.79 9.53 4.21
C ALA A 150 30.55 8.11 4.70
N ILE A 151 30.07 7.22 3.84
CA ILE A 151 29.74 5.85 4.22
C ILE A 151 30.90 4.95 3.80
N PRO A 152 31.49 4.19 4.71
CA PRO A 152 32.61 3.31 4.34
C PRO A 152 32.21 2.37 3.21
N GLN A 153 33.20 2.03 2.39
CA GLN A 153 33.01 1.04 1.32
C GLN A 153 34.23 0.12 1.35
N VAL A 154 34.08 -1.00 2.02
CA VAL A 154 35.15 -1.98 2.19
C VAL A 154 35.10 -2.96 1.04
N ASN A 155 36.26 -3.43 0.61
CA ASN A 155 36.34 -4.48 -0.39
C ASN A 155 36.32 -5.83 0.33
N LEU A 156 35.47 -6.72 -0.14
CA LEU A 156 35.50 -8.05 0.44
C LEU A 156 36.73 -8.80 -0.05
N PRO A 157 37.23 -9.76 0.74
CA PRO A 157 38.41 -10.51 0.30
C PRO A 157 38.12 -11.34 -0.94
N ASP A 158 39.19 -11.58 -1.71
CA ASP A 158 39.15 -12.43 -2.91
C ASP A 158 38.39 -11.78 -4.06
N ASP A 159 38.37 -10.44 -4.10
CA ASP A 159 37.64 -9.69 -5.12
C ASP A 159 36.17 -10.10 -5.17
N ALA A 160 35.60 -10.38 -3.99
CA ALA A 160 34.22 -10.84 -3.91
C ALA A 160 33.20 -9.73 -4.12
N GLY A 161 33.58 -8.47 -3.89
CA GLY A 161 32.68 -7.36 -4.04
C GLY A 161 32.89 -6.35 -2.92
N ASN A 162 31.85 -5.56 -2.65
CA ASN A 162 31.90 -4.47 -1.69
C ASN A 162 30.97 -4.75 -0.51
N LEU A 163 31.16 -3.96 0.53
CA LEU A 163 30.22 -3.88 1.65
C LEU A 163 30.25 -2.45 2.17
N ARG A 164 29.10 -1.80 2.18
CA ARG A 164 28.98 -0.46 2.75
C ARG A 164 28.37 -0.55 4.13
N VAL A 165 29.04 0.01 5.12
CA VAL A 165 28.58 0.02 6.50
C VAL A 165 27.78 1.31 6.69
N ILE A 166 26.46 1.21 6.55
CA ILE A 166 25.63 2.38 6.84
C ILE A 166 25.54 2.60 8.34
N ALA A 167 25.27 1.54 9.09
CA ALA A 167 25.27 1.61 10.54
C ALA A 167 25.97 0.38 11.08
N GLY A 168 26.62 0.53 12.23
CA GLY A 168 27.30 -0.58 12.85
C GLY A 168 28.80 -0.62 12.57
N GLU A 169 29.32 -1.81 12.31
CA GLU A 169 30.76 -2.01 12.24
C GLU A 169 31.06 -3.20 11.35
N TYR A 170 32.14 -3.12 10.57
CA TYR A 170 32.64 -4.27 9.84
C TYR A 170 34.13 -4.10 9.61
N ALA A 171 34.93 -5.03 10.15
CA ALA A 171 36.38 -5.07 9.92
C ALA A 171 37.04 -3.72 10.27
N GLY A 172 36.57 -3.11 11.36
CA GLY A 172 37.12 -1.86 11.83
C GLY A 172 36.56 -0.60 11.21
N ASN A 173 35.51 -0.71 10.38
CA ASN A 173 34.87 0.44 9.77
C ASN A 173 33.55 0.69 10.48
N ILE A 174 33.40 1.85 11.09
CA ILE A 174 32.21 2.20 11.87
C ILE A 174 31.27 3.02 11.00
N GLY A 175 30.06 2.53 10.80
CA GLY A 175 29.08 3.24 10.01
C GLY A 175 28.75 4.60 10.59
N PRO A 176 28.51 5.58 9.72
CA PRO A 176 28.29 6.96 10.19
C PRO A 176 26.95 7.17 10.89
N ALA A 177 26.00 6.25 10.78
CA ALA A 177 24.68 6.44 11.35
C ALA A 177 24.71 6.16 12.84
N LYS A 178 24.37 7.16 13.65
CA LYS A 178 24.25 6.96 15.08
C LYS A 178 23.02 6.12 15.39
N THR A 179 23.13 5.31 16.44
CA THR A 179 22.10 4.33 16.77
C THR A 179 21.88 4.31 18.28
N PHE A 180 20.60 4.26 18.68
CA PHE A 180 20.27 4.08 20.09
C PHE A 180 20.57 2.67 20.59
N SER A 181 20.74 1.71 19.68
CA SER A 181 20.81 0.30 19.99
C SER A 181 21.83 -0.37 19.09
N PRO A 182 22.50 -1.41 19.58
CA PRO A 182 23.51 -2.10 18.76
C PRO A 182 22.87 -2.79 17.58
N LEU A 183 23.34 -2.45 16.38
CA LEU A 183 22.79 -3.05 15.16
C LEU A 183 23.71 -2.71 14.00
N ASN A 184 23.61 -3.52 12.95
CA ASN A 184 24.31 -3.29 11.69
C ASN A 184 23.27 -3.08 10.58
N VAL A 185 23.57 -2.15 9.68
CA VAL A 185 22.90 -2.03 8.40
C VAL A 185 23.99 -2.02 7.35
N TRP A 186 24.07 -3.08 6.56
CA TRP A 186 25.13 -3.27 5.58
C TRP A 186 24.55 -3.32 4.18
N ASP A 187 25.18 -2.63 3.25
CA ASP A 187 24.80 -2.68 1.85
C ASP A 187 25.91 -3.44 1.14
N ILE A 188 25.58 -4.63 0.61
CA ILE A 188 26.57 -5.56 0.09
C ILE A 188 26.38 -5.69 -1.42
N ARG A 189 27.47 -5.58 -2.17
CA ARG A 189 27.52 -5.97 -3.57
C ARG A 189 28.44 -7.17 -3.71
N LEU A 190 27.94 -8.23 -4.35
CA LEU A 190 28.68 -9.48 -4.48
C LEU A 190 28.75 -9.88 -5.94
N THR A 191 29.95 -10.26 -6.39
CA THR A 191 30.19 -10.62 -7.77
C THR A 191 29.92 -12.10 -7.98
N GLN A 192 29.36 -12.43 -9.15
CA GLN A 192 29.02 -13.81 -9.46
C GLN A 192 30.20 -14.74 -9.22
N GLY A 193 29.90 -15.93 -8.69
CA GLY A 193 30.94 -16.90 -8.43
C GLY A 193 31.87 -16.56 -7.29
N LYS A 194 31.45 -15.67 -6.40
CA LYS A 194 32.25 -15.33 -5.23
C LYS A 194 31.43 -15.54 -3.97
N SER A 195 32.11 -15.85 -2.88
CA SER A 195 31.44 -16.08 -1.61
C SER A 195 32.18 -15.35 -0.50
N CYS A 196 31.45 -15.05 0.57
CA CYS A 196 32.02 -14.44 1.75
C CYS A 196 31.31 -15.00 2.97
N GLU A 197 32.06 -15.14 4.06
CA GLU A 197 31.49 -15.53 5.34
C GLU A 197 31.51 -14.33 6.28
N PHE A 198 30.55 -14.29 7.19
CA PHE A 198 30.44 -13.22 8.16
C PHE A 198 30.24 -13.80 9.55
N SER A 199 30.81 -13.13 10.54
CA SER A 199 30.56 -13.44 11.95
C SER A 199 29.71 -12.32 12.54
N LEU A 200 28.66 -12.67 13.25
CA LEU A 200 27.73 -11.73 13.82
C LEU A 200 27.49 -12.07 15.28
N PRO A 201 27.10 -11.08 16.09
CA PRO A 201 26.89 -11.34 17.52
C PRO A 201 25.82 -12.40 17.75
N ALA A 202 26.00 -13.15 18.84
CA ALA A 202 25.04 -14.17 19.23
C ALA A 202 23.75 -13.50 19.73
N GLY A 203 22.62 -14.13 19.43
CA GLY A 203 21.34 -13.59 19.79
C GLY A 203 20.84 -12.47 18.89
N TRP A 204 21.70 -11.87 18.08
CA TRP A 204 21.27 -10.80 17.20
C TRP A 204 20.30 -11.32 16.15
N ASN A 205 19.12 -10.73 16.08
CA ASN A 205 18.21 -10.99 14.97
C ASN A 205 18.86 -10.54 13.66
N THR A 206 18.81 -11.40 12.65
CA THR A 206 19.49 -11.16 11.38
C THR A 206 18.55 -11.44 10.22
N ALA A 207 18.67 -10.63 9.17
CA ALA A 207 17.91 -10.84 7.94
C ALA A 207 18.75 -10.39 6.76
N LEU A 208 18.68 -11.16 5.67
CA LEU A 208 19.24 -10.79 4.39
C LEU A 208 18.12 -10.48 3.41
N ILE A 209 18.32 -9.45 2.59
CA ILE A 209 17.32 -9.04 1.61
C ILE A 209 18.03 -8.81 0.28
N VAL A 210 17.69 -9.61 -0.72
CA VAL A 210 18.32 -9.52 -2.04
C VAL A 210 17.55 -8.52 -2.88
N LEU A 211 18.27 -7.52 -3.40
CA LEU A 211 17.68 -6.53 -4.29
C LEU A 211 17.87 -6.91 -5.76
N HIS A 212 19.03 -7.44 -6.10
CA HIS A 212 19.32 -7.92 -7.45
C HIS A 212 20.16 -9.18 -7.33
N GLY A 213 20.07 -10.03 -8.35
CA GLY A 213 20.94 -11.19 -8.43
C GLY A 213 20.40 -12.37 -7.67
N THR A 214 21.26 -13.40 -7.56
CA THR A 214 20.87 -14.71 -7.03
C THR A 214 21.90 -15.13 -5.99
N LEU A 215 21.47 -15.21 -4.73
CA LEU A 215 22.33 -15.47 -3.60
C LEU A 215 22.08 -16.86 -3.03
N LEU A 216 23.17 -17.57 -2.74
CA LEU A 216 23.09 -18.82 -2.01
C LEU A 216 23.44 -18.55 -0.55
N VAL A 217 22.52 -18.87 0.35
CA VAL A 217 22.64 -18.54 1.76
C VAL A 217 22.93 -19.82 2.54
N ASN A 218 23.99 -19.79 3.34
CA ASN A 218 24.39 -20.88 4.23
C ASN A 218 24.58 -22.20 3.48
N GLY A 219 24.89 -22.12 2.19
CA GLY A 219 24.90 -23.29 1.34
C GLY A 219 23.58 -24.01 1.21
N ASP A 220 22.49 -23.44 1.71
CA ASP A 220 21.22 -24.14 1.83
C ASP A 220 20.08 -23.47 1.09
N ALA A 221 19.94 -22.16 1.19
CA ALA A 221 18.80 -21.42 0.68
C ALA A 221 19.24 -20.50 -0.45
N ILE A 222 18.45 -20.48 -1.52
CA ILE A 222 18.68 -19.60 -2.66
C ILE A 222 17.67 -18.46 -2.60
N ALA A 223 18.17 -17.23 -2.58
CA ALA A 223 17.33 -16.04 -2.54
C ALA A 223 17.52 -15.24 -3.83
N ARG A 224 16.43 -14.68 -4.33
CA ARG A 224 16.47 -13.93 -5.58
C ARG A 224 15.90 -12.53 -5.40
N GLU A 225 15.68 -11.82 -6.50
CA GLU A 225 15.26 -10.43 -6.46
C GLU A 225 14.01 -10.23 -5.62
N ALA A 226 14.08 -9.27 -4.69
CA ALA A 226 13.01 -8.89 -3.77
C ALA A 226 12.62 -10.01 -2.81
N GLU A 227 13.53 -10.94 -2.52
CA GLU A 227 13.26 -11.99 -1.56
C GLU A 227 14.02 -11.76 -0.26
N MSE A 228 13.48 -12.30 0.82
CA MSE A 228 13.99 -12.07 2.17
C MSE A 228 14.41 -13.37 2.85
O MSE A 228 13.68 -14.35 2.79
CB MSE A 228 12.90 -11.38 3.02
CG MSE A 228 13.42 -10.69 4.24
SE MSE A 228 12.97 -11.64 5.87
CE MSE A 228 11.10 -11.11 5.98
N VAL A 229 15.58 -13.35 3.47
CA VAL A 229 16.09 -14.50 4.23
C VAL A 229 16.11 -14.10 5.70
N LEU A 230 15.48 -14.92 6.54
CA LEU A 230 15.40 -14.69 7.97
C LEU A 230 16.17 -15.80 8.68
N LEU A 231 17.17 -15.42 9.46
CA LEU A 231 18.14 -16.37 10.02
C LEU A 231 17.86 -16.65 11.50
N ASP A 232 18.47 -17.73 11.97
CA ASP A 232 18.38 -18.12 13.38
C ASP A 232 19.20 -17.14 14.22
N PRO A 233 18.60 -16.46 15.20
CA PRO A 233 19.36 -15.44 15.94
C PRO A 233 20.41 -16.03 16.86
N THR A 234 20.24 -17.28 17.30
CA THR A 234 21.12 -17.82 18.32
C THR A 234 22.54 -18.03 17.80
N GLY A 235 22.69 -18.31 16.51
CA GLY A 235 23.99 -18.58 15.94
C GLY A 235 24.87 -17.35 15.86
N THR A 236 26.06 -17.54 15.28
CA THR A 236 27.05 -16.47 15.24
C THR A 236 27.66 -16.22 13.86
N HIS A 237 27.57 -17.14 12.91
CA HIS A 237 28.22 -16.89 11.63
C HIS A 237 27.32 -17.31 10.47
N LEU A 238 27.77 -16.94 9.27
CA LEU A 238 26.93 -16.75 8.09
C LEU A 238 27.81 -16.87 6.86
N SER A 239 27.24 -17.38 5.78
CA SER A 239 27.94 -17.47 4.50
C SER A 239 27.01 -17.07 3.37
N ILE A 240 27.54 -16.36 2.39
CA ILE A 240 26.79 -16.00 1.19
C ILE A 240 27.67 -16.24 -0.03
N GLU A 241 27.09 -16.85 -1.07
CA GLU A 241 27.71 -16.95 -2.37
C GLU A 241 26.76 -16.45 -3.43
N ALA A 242 27.28 -15.67 -4.37
CA ALA A 242 26.48 -15.03 -5.41
C ALA A 242 26.50 -15.90 -6.67
N ASN A 243 25.42 -16.65 -6.89
CA ASN A 243 25.27 -17.35 -8.16
C ASN A 243 25.11 -16.37 -9.32
N ASN A 244 24.80 -15.11 -9.03
CA ASN A 244 24.82 -14.03 -9.99
C ASN A 244 25.28 -12.78 -9.27
N ASP A 245 25.73 -11.78 -10.04
CA ASP A 245 26.09 -10.50 -9.45
C ASP A 245 24.92 -9.98 -8.63
N THR A 246 25.15 -9.85 -7.32
CA THR A 246 24.09 -9.65 -6.35
C THR A 246 24.22 -8.29 -5.69
N VAL A 247 23.07 -7.69 -5.37
CA VAL A 247 22.97 -6.50 -4.54
C VAL A 247 22.03 -6.85 -3.40
N LEU A 248 22.52 -6.78 -2.17
CA LEU A 248 21.70 -7.19 -1.04
C LEU A 248 21.94 -6.28 0.15
N LEU A 249 21.00 -6.34 1.09
CA LEU A 249 21.10 -5.67 2.38
C LEU A 249 21.25 -6.72 3.47
N LEU A 250 22.15 -6.48 4.40
CA LEU A 250 22.27 -7.29 5.60
C LEU A 250 21.85 -6.44 6.78
N LEU A 251 20.79 -6.86 7.47
CA LEU A 251 20.32 -6.21 8.67
C LEU A 251 20.50 -7.15 9.84
N SER A 252 21.18 -6.68 10.89
CA SER A 252 21.31 -7.42 12.12
C SER A 252 21.18 -6.46 13.28
N GLY A 253 20.95 -7.00 14.47
CA GLY A 253 20.86 -6.12 15.62
C GLY A 253 20.46 -6.80 16.91
N GLU A 254 20.87 -6.22 18.01
CA GLU A 254 20.49 -6.74 19.32
C GLU A 254 19.00 -6.53 19.53
N PRO A 255 18.25 -7.57 19.88
CA PRO A 255 16.80 -7.42 20.06
C PRO A 255 16.47 -6.43 21.18
N ILE A 256 15.30 -5.82 21.06
CA ILE A 256 14.75 -4.97 22.11
C ILE A 256 13.63 -5.77 22.77
N ASP A 257 13.91 -6.38 23.92
CA ASP A 257 12.96 -7.27 24.58
C ASP A 257 11.95 -6.44 25.38
N GLU A 258 11.07 -5.77 24.64
CA GLU A 258 10.04 -4.89 25.15
C GLU A 258 8.83 -5.05 24.24
N PRO A 259 7.63 -4.86 24.77
CA PRO A 259 6.43 -5.07 23.95
C PRO A 259 6.32 -4.04 22.84
N ILE A 260 5.72 -4.46 21.74
CA ILE A 260 5.42 -3.59 20.60
C ILE A 260 3.91 -3.45 20.50
N VAL A 261 3.41 -2.23 20.67
CA VAL A 261 2.03 -1.91 20.36
C VAL A 261 2.06 -0.76 19.37
N GLY A 262 1.63 -1.01 18.14
CA GLY A 262 1.68 -0.02 17.11
C GLY A 262 0.38 0.06 16.33
N TYR A 263 0.17 1.21 15.70
CA TYR A 263 -0.93 1.37 14.76
C TYR A 263 -0.53 2.42 13.73
N GLY A 264 -0.54 2.03 12.45
CA GLY A 264 -0.22 2.93 11.38
C GLY A 264 1.12 3.59 11.58
N PRO A 265 1.12 4.91 11.72
CA PRO A 265 2.37 5.67 11.89
C PRO A 265 2.84 5.82 13.33
N PHE A 266 2.20 5.17 14.30
CA PHE A 266 2.60 5.23 15.70
C PHE A 266 2.95 3.82 16.14
N VAL A 267 4.16 3.63 16.63
CA VAL A 267 4.60 2.34 17.18
C VAL A 267 5.13 2.59 18.57
N MSE A 268 4.37 2.16 19.58
CA MSE A 268 4.70 2.45 20.97
C MSE A 268 4.81 1.17 21.78
O MSE A 268 4.87 0.07 21.20
CB MSE A 268 3.63 3.36 21.58
CG MSE A 268 3.62 4.80 21.04
SE MSE A 268 5.27 5.80 21.29
CE MSE A 268 4.76 6.82 22.85
N ASN A 269 4.83 1.28 23.10
CA ASN A 269 4.89 0.11 23.97
C ASN A 269 3.53 -0.29 24.54
N THR A 270 2.58 0.64 24.64
CA THR A 270 1.28 0.36 25.23
C THR A 270 0.17 0.89 24.34
N GLN A 271 -0.96 0.18 24.35
CA GLN A 271 -2.16 0.68 23.69
C GLN A 271 -2.54 2.06 24.22
N ALA A 272 -2.32 2.30 25.51
CA ALA A 272 -2.57 3.61 26.08
C ALA A 272 -1.68 4.68 25.45
N GLN A 273 -0.46 4.31 25.07
CA GLN A 273 0.38 5.26 24.34
C GLN A 273 -0.05 5.40 22.89
N ILE A 274 -0.68 4.37 22.33
CA ILE A 274 -1.21 4.47 20.97
C ILE A 274 -2.45 5.35 20.95
N ALA A 275 -3.39 5.08 21.87
CA ALA A 275 -4.54 5.96 22.00
C ALA A 275 -4.13 7.36 22.43
N GLU A 276 -2.99 7.48 23.10
CA GLU A 276 -2.47 8.81 23.44
C GLU A 276 -1.92 9.52 22.21
N ALA A 277 -1.19 8.79 21.37
CA ALA A 277 -0.65 9.40 20.16
C ALA A 277 -1.75 9.83 19.20
N ILE A 278 -2.78 8.99 19.04
CA ILE A 278 -3.90 9.34 18.17
C ILE A 278 -4.60 10.59 18.70
N ALA A 279 -4.55 10.82 20.01
CA ALA A 279 -5.15 12.02 20.59
C ALA A 279 -4.26 13.24 20.42
N ASP A 280 -2.94 13.06 20.49
CA ASP A 280 -2.03 14.20 20.32
C ASP A 280 -2.02 14.68 18.88
N PHE A 281 -2.23 13.78 17.92
CA PHE A 281 -2.18 14.17 16.52
C PHE A 281 -3.47 14.85 16.06
N ASN A 282 -4.62 14.45 16.60
CA ASN A 282 -5.90 15.07 16.25
C ASN A 282 -6.11 16.41 16.95
N GLY A 283 -5.24 16.77 17.89
CA GLY A 283 -5.32 18.06 18.54
C GLY A 283 -4.39 19.08 17.92
N GLY A 284 -3.20 18.63 17.53
CA GLY A 284 -2.24 19.50 16.86
C GLY A 284 -0.91 19.59 17.58
N ARG A 285 -0.69 18.72 18.57
CA ARG A 285 0.55 18.77 19.33
C ARG A 285 1.77 18.45 18.48
N PHE A 286 1.59 17.82 17.33
CA PHE A 286 2.69 17.19 16.62
C PHE A 286 3.61 18.21 15.95
N ALA B 3 -7.59 26.19 -4.74
CA ALA B 3 -6.96 24.90 -4.51
C ALA B 3 -8.01 23.80 -4.37
N MSE B 4 -9.29 24.17 -4.50
N MSE B 4 -9.28 24.18 -4.50
CA MSE B 4 -10.38 23.22 -4.32
CA MSE B 4 -10.40 23.25 -4.38
C MSE B 4 -10.54 22.27 -5.50
C MSE B 4 -10.45 22.23 -5.51
O MSE B 4 -10.36 22.66 -6.65
O MSE B 4 -10.06 22.53 -6.64
CB MSE B 4 -11.69 23.96 -4.09
CB MSE B 4 -11.74 24.01 -4.37
CG MSE B 4 -12.33 23.67 -2.74
CG MSE B 4 -12.11 24.69 -3.05
SE MSE B 4 -11.17 24.22 -1.27
SE MSE B 4 -13.97 25.30 -3.08
CE MSE B 4 -12.04 23.25 0.18
CE MSE B 4 -13.81 26.87 -1.93
N LYS B 5 -10.91 21.02 -5.20
CA LYS B 5 -11.38 20.09 -6.22
C LYS B 5 -12.88 20.35 -6.32
N LYS B 6 -13.25 21.34 -7.13
CA LYS B 6 -14.62 21.83 -7.15
C LYS B 6 -15.58 20.78 -7.71
N VAL B 7 -16.85 20.89 -7.31
CA VAL B 7 -17.87 19.96 -7.78
C VAL B 7 -18.10 20.19 -9.26
N GLN B 8 -17.87 19.16 -10.07
CA GLN B 8 -18.17 19.18 -11.50
C GLN B 8 -19.57 18.68 -11.80
N GLY B 9 -19.96 17.58 -11.18
CA GLY B 9 -21.25 16.98 -11.45
C GLY B 9 -21.78 16.32 -10.20
N ILE B 10 -23.09 16.34 -10.06
CA ILE B 10 -23.77 15.65 -8.98
C ILE B 10 -24.97 14.94 -9.60
N TYR B 11 -25.19 13.70 -9.19
CA TYR B 11 -26.07 12.79 -9.89
C TYR B 11 -27.13 12.25 -8.94
N ARG B 12 -28.39 12.31 -9.36
CA ARG B 12 -29.48 11.78 -8.57
C ARG B 12 -29.34 10.28 -8.44
N ALA B 13 -30.05 9.71 -7.47
CA ALA B 13 -30.01 8.28 -7.26
C ALA B 13 -30.58 7.56 -8.49
N PRO B 14 -29.87 6.60 -9.07
CA PRO B 14 -30.44 5.87 -10.21
C PRO B 14 -31.41 4.80 -9.72
N ARG B 15 -32.14 4.25 -10.68
CA ARG B 15 -33.11 3.21 -10.37
C ARG B 15 -32.45 1.86 -10.35
N GLN B 16 -33.06 0.95 -9.60
CA GLN B 16 -32.52 -0.39 -9.37
C GLN B 16 -32.85 -1.34 -10.51
N HIS B 17 -31.91 -2.20 -10.83
CA HIS B 17 -32.18 -3.40 -11.62
C HIS B 17 -31.53 -4.58 -10.92
N TRP B 18 -31.86 -5.77 -11.39
CA TRP B 18 -31.34 -7.00 -10.79
C TRP B 18 -30.20 -7.54 -11.64
N VAL B 19 -29.03 -7.65 -11.04
CA VAL B 19 -27.92 -8.38 -11.63
C VAL B 19 -28.02 -9.82 -11.13
N GLY B 20 -28.40 -10.72 -12.03
CA GLY B 20 -28.79 -12.05 -11.59
C GLY B 20 -29.99 -11.94 -10.67
N ASP B 21 -30.23 -13.00 -9.90
CA ASP B 21 -31.24 -12.97 -8.87
C ASP B 21 -30.66 -12.64 -7.50
N GLY B 22 -29.38 -12.31 -7.41
CA GLY B 22 -28.77 -12.09 -6.12
C GLY B 22 -28.37 -10.67 -5.81
N PHE B 23 -28.31 -9.81 -6.82
CA PHE B 23 -27.74 -8.46 -6.66
C PHE B 23 -28.69 -7.39 -7.18
N PRO B 24 -29.47 -6.76 -6.31
CA PRO B 24 -30.29 -5.62 -6.72
C PRO B 24 -29.49 -4.33 -6.65
N VAL B 25 -29.05 -3.82 -7.78
CA VAL B 25 -28.00 -2.81 -7.78
C VAL B 25 -28.53 -1.50 -8.35
N ARG B 26 -27.94 -0.42 -7.87
CA ARG B 26 -28.02 0.89 -8.49
C ARG B 26 -26.63 1.20 -9.03
N SER B 27 -26.55 1.61 -10.29
CA SER B 27 -25.27 1.82 -10.97
C SER B 27 -24.91 3.30 -10.90
N MSE B 28 -23.86 3.61 -10.16
CA MSE B 28 -23.45 5.01 -9.98
C MSE B 28 -22.75 5.57 -11.19
O MSE B 28 -22.99 6.71 -11.56
CB MSE B 28 -22.52 5.15 -8.78
CG MSE B 28 -23.05 4.61 -7.48
SE MSE B 28 -24.67 5.53 -6.95
CE MSE B 28 -25.91 4.14 -7.41
N PHE B 29 -21.86 4.79 -11.80
CA PHE B 29 -21.19 5.21 -13.02
C PHE B 29 -20.63 4.01 -13.73
N SER B 30 -20.31 4.21 -15.01
CA SER B 30 -19.67 3.20 -15.83
C SER B 30 -18.75 3.90 -16.82
N TYR B 31 -17.84 3.14 -17.41
CA TYR B 31 -16.82 3.74 -18.28
C TYR B 31 -17.40 4.30 -19.57
N GLN B 32 -18.65 3.96 -19.90
CA GLN B 32 -19.23 4.43 -21.15
C GLN B 32 -19.60 5.90 -21.06
N SER B 33 -20.07 6.33 -19.90
CA SER B 33 -20.52 7.72 -19.74
C SER B 33 -19.33 8.66 -19.52
N HIS B 34 -18.67 8.53 -18.37
CA HIS B 34 -17.49 9.34 -18.04
C HIS B 34 -16.29 8.40 -17.91
N GLY B 35 -15.68 8.09 -19.05
CA GLY B 35 -14.50 7.24 -19.03
C GLY B 35 -13.28 7.99 -18.54
N LYS B 36 -13.02 9.15 -19.13
CA LYS B 36 -11.83 9.92 -18.75
C LYS B 36 -11.99 10.57 -17.39
N GLN B 37 -13.22 10.92 -16.99
CA GLN B 37 -13.42 11.71 -15.79
C GLN B 37 -13.34 10.87 -14.51
N LEU B 38 -13.33 9.55 -14.61
CA LEU B 38 -13.31 8.70 -13.43
C LEU B 38 -12.12 7.73 -13.40
N SER B 39 -11.30 7.72 -14.44
CA SER B 39 -10.11 6.90 -14.46
C SER B 39 -9.30 7.12 -13.17
N PRO B 40 -8.82 6.04 -12.53
CA PRO B 40 -8.77 4.64 -12.94
C PRO B 40 -10.06 3.84 -12.75
N PHE B 41 -11.08 4.44 -12.19
CA PHE B 41 -12.29 3.69 -11.88
C PHE B 41 -13.19 3.58 -13.09
N LEU B 42 -13.61 2.36 -13.40
CA LEU B 42 -14.41 2.07 -14.57
C LEU B 42 -15.88 1.88 -14.27
N LEU B 43 -16.23 1.45 -13.06
CA LEU B 43 -17.60 1.06 -12.76
C LEU B 43 -17.81 1.05 -11.25
N LEU B 44 -19.01 1.44 -10.82
CA LEU B 44 -19.41 1.29 -9.43
C LEU B 44 -20.88 0.91 -9.39
N ASP B 45 -21.17 -0.23 -8.76
CA ASP B 45 -22.53 -0.73 -8.58
C ASP B 45 -22.82 -0.89 -7.10
N TYR B 46 -23.92 -0.29 -6.65
CA TYR B 46 -24.32 -0.32 -5.25
C TYR B 46 -25.47 -1.32 -5.11
N ALA B 47 -25.19 -2.46 -4.51
CA ALA B 47 -26.18 -3.51 -4.34
C ALA B 47 -26.93 -3.31 -3.04
N GLY B 48 -28.25 -3.35 -3.10
CA GLY B 48 -29.07 -3.19 -1.92
C GLY B 48 -29.05 -1.77 -1.40
N PRO B 49 -29.28 -1.61 -0.08
CA PRO B 49 -29.50 -2.71 0.87
C PRO B 49 -30.86 -3.38 0.73
N MSE B 50 -30.97 -4.63 1.17
CA MSE B 50 -32.22 -5.35 1.07
C MSE B 50 -32.22 -6.58 1.97
O MSE B 50 -31.17 -7.19 2.18
CB MSE B 50 -32.48 -5.78 -0.38
CG MSE B 50 -33.89 -6.23 -0.62
SE MSE B 50 -34.05 -7.21 -2.28
CE MSE B 50 -34.80 -5.79 -3.39
N ASP B 51 -33.39 -6.94 2.49
CA ASP B 51 -33.57 -8.15 3.27
C ASP B 51 -33.88 -9.32 2.34
N PHE B 52 -33.17 -10.43 2.52
CA PHE B 52 -33.43 -11.64 1.78
C PHE B 52 -34.00 -12.70 2.71
N THR B 53 -34.95 -13.46 2.20
CA THR B 53 -35.57 -14.52 2.99
C THR B 53 -34.72 -15.77 2.97
N PRO B 54 -34.82 -16.61 3.99
CA PRO B 54 -34.12 -17.90 3.96
C PRO B 54 -34.59 -18.72 2.78
N THR B 55 -33.64 -19.35 2.09
CA THR B 55 -33.98 -20.08 0.88
C THR B 55 -33.00 -21.22 0.67
N THR B 56 -33.43 -22.19 -0.13
CA THR B 56 -32.58 -23.22 -0.68
C THR B 56 -31.88 -22.75 -1.95
N GLN B 57 -32.46 -21.76 -2.64
CA GLN B 57 -31.88 -21.23 -3.86
C GLN B 57 -30.46 -20.70 -3.60
N ARG B 58 -29.64 -20.73 -4.64
CA ARG B 58 -28.34 -20.06 -4.65
C ARG B 58 -28.50 -18.80 -5.49
N ARG B 59 -28.81 -17.68 -4.83
CA ARG B 59 -28.97 -16.43 -5.57
C ARG B 59 -27.60 -15.82 -5.88
N GLY B 60 -27.53 -15.14 -7.01
CA GLY B 60 -26.29 -14.54 -7.46
C GLY B 60 -26.35 -14.21 -8.93
N VAL B 61 -25.32 -14.61 -9.69
CA VAL B 61 -25.29 -14.39 -11.13
C VAL B 61 -24.49 -15.51 -11.77
N GLY B 62 -24.85 -15.86 -13.00
CA GLY B 62 -24.16 -16.92 -13.71
C GLY B 62 -22.70 -16.62 -13.96
N GLN B 63 -21.97 -17.66 -14.37
CA GLN B 63 -20.54 -17.51 -14.61
C GLN B 63 -20.30 -16.55 -15.75
N HIS B 64 -19.27 -15.73 -15.60
CA HIS B 64 -19.00 -14.68 -16.56
C HIS B 64 -17.51 -14.39 -16.59
N PRO B 65 -16.96 -14.02 -17.75
CA PRO B 65 -15.54 -13.72 -17.85
C PRO B 65 -15.23 -12.25 -17.63
N HIS B 66 -13.99 -11.99 -17.21
CA HIS B 66 -13.48 -10.64 -17.03
C HIS B 66 -12.04 -10.60 -17.52
N ARG B 67 -11.69 -9.58 -18.31
CA ARG B 67 -10.32 -9.42 -18.78
C ARG B 67 -9.95 -7.95 -18.80
N GLY B 68 -8.73 -7.65 -18.36
CA GLY B 68 -8.13 -6.36 -18.57
C GLY B 68 -8.30 -5.35 -17.45
N PHE B 69 -8.80 -5.76 -16.29
CA PHE B 69 -9.01 -4.82 -15.19
C PHE B 69 -9.10 -5.60 -13.89
N GLU B 70 -9.57 -4.92 -12.84
CA GLU B 70 -9.73 -5.47 -11.51
C GLU B 70 -11.15 -5.20 -11.03
N THR B 71 -11.65 -6.09 -10.17
N THR B 71 -11.67 -6.10 -10.20
CA THR B 71 -12.96 -5.95 -9.55
CA THR B 71 -12.95 -5.87 -9.57
C THR B 71 -12.79 -5.93 -8.05
C THR B 71 -12.75 -5.88 -8.06
N VAL B 72 -13.46 -4.98 -7.38
CA VAL B 72 -13.35 -4.80 -5.94
C VAL B 72 -14.75 -4.97 -5.36
N THR B 73 -14.89 -5.88 -4.40
CA THR B 73 -16.17 -6.13 -3.75
C THR B 73 -16.06 -5.72 -2.29
N ILE B 74 -16.92 -4.80 -1.85
CA ILE B 74 -16.91 -4.26 -0.50
C ILE B 74 -18.25 -4.58 0.14
N VAL B 75 -18.26 -5.51 1.09
CA VAL B 75 -19.50 -6.00 1.69
C VAL B 75 -19.72 -5.34 3.04
N TYR B 76 -20.93 -4.82 3.25
CA TYR B 76 -21.35 -4.22 4.51
C TYR B 76 -22.27 -5.12 5.33
N HIS B 77 -23.25 -5.76 4.69
CA HIS B 77 -24.12 -6.74 5.31
C HIS B 77 -24.24 -7.95 4.41
N GLY B 78 -24.33 -9.13 5.00
CA GLY B 78 -24.44 -10.36 4.24
C GLY B 78 -23.10 -11.00 3.96
N GLU B 79 -23.16 -12.11 3.24
CA GLU B 79 -21.97 -12.86 2.87
C GLU B 79 -22.02 -13.17 1.38
N VAL B 80 -20.93 -12.91 0.69
CA VAL B 80 -20.78 -13.23 -0.73
C VAL B 80 -19.78 -14.36 -0.85
N GLU B 81 -20.01 -15.24 -1.82
CA GLU B 81 -19.12 -16.34 -2.12
C GLU B 81 -18.79 -16.31 -3.60
N HIS B 82 -17.53 -16.60 -3.95
CA HIS B 82 -17.11 -16.55 -5.34
C HIS B 82 -16.15 -17.69 -5.64
N ARG B 83 -16.18 -18.18 -6.88
CA ARG B 83 -15.30 -19.26 -7.31
C ARG B 83 -14.88 -19.04 -8.77
N ASP B 84 -13.65 -19.43 -9.07
CA ASP B 84 -13.15 -19.45 -10.44
C ASP B 84 -13.52 -20.74 -11.14
N SER B 85 -13.26 -20.77 -12.45
CA SER B 85 -13.20 -22.05 -13.15
C SER B 85 -11.91 -22.79 -12.81
N THR B 86 -10.89 -22.07 -12.35
CA THR B 86 -9.61 -22.69 -12.02
C THR B 86 -9.60 -23.29 -10.62
N GLY B 87 -10.27 -22.67 -9.66
CA GLY B 87 -10.30 -23.23 -8.32
C GLY B 87 -10.19 -22.24 -7.20
N ASN B 88 -9.93 -20.97 -7.53
CA ASN B 88 -9.69 -19.94 -6.53
C ASN B 88 -11.01 -19.30 -6.08
N GLY B 89 -10.92 -18.53 -5.00
CA GLY B 89 -12.06 -17.83 -4.45
C GLY B 89 -12.21 -18.08 -2.95
N GLY B 90 -13.15 -17.35 -2.37
CA GLY B 90 -13.39 -17.44 -0.95
C GLY B 90 -14.73 -16.86 -0.53
N ILE B 91 -14.82 -16.51 0.75
CA ILE B 91 -16.04 -16.01 1.37
C ILE B 91 -15.77 -14.59 1.85
N ILE B 92 -16.67 -13.66 1.50
CA ILE B 92 -16.58 -12.27 1.92
C ILE B 92 -17.74 -11.99 2.85
N GLY B 93 -17.44 -11.68 4.11
CA GLY B 93 -18.44 -11.32 5.07
C GLY B 93 -18.52 -9.82 5.30
N PRO B 94 -19.36 -9.41 6.26
CA PRO B 94 -19.47 -7.98 6.56
C PRO B 94 -18.14 -7.41 7.04
N GLY B 95 -17.77 -6.26 6.48
CA GLY B 95 -16.52 -5.63 6.81
C GLY B 95 -15.33 -6.07 5.97
N ASP B 96 -15.48 -7.12 5.17
CA ASP B 96 -14.39 -7.63 4.34
C ASP B 96 -14.38 -6.97 2.96
N VAL B 97 -13.28 -7.19 2.24
CA VAL B 97 -13.09 -6.72 0.87
C VAL B 97 -12.38 -7.82 0.10
N GLN B 98 -12.70 -7.95 -1.19
CA GLN B 98 -11.95 -8.81 -2.09
C GLN B 98 -11.45 -7.95 -3.26
N TRP B 99 -10.13 -7.91 -3.45
CA TRP B 99 -9.51 -7.19 -4.55
C TRP B 99 -9.06 -8.23 -5.57
N MSE B 100 -9.77 -8.34 -6.68
CA MSE B 100 -9.47 -9.40 -7.63
C MSE B 100 -8.87 -8.83 -8.91
O MSE B 100 -9.38 -7.85 -9.43
CB MSE B 100 -10.71 -10.22 -7.98
CG MSE B 100 -10.55 -11.09 -9.23
SE MSE B 100 -12.20 -11.82 -9.98
CE MSE B 100 -12.36 -10.67 -11.54
N THR B 101 -7.80 -9.44 -9.39
CA THR B 101 -7.14 -9.03 -10.62
C THR B 101 -7.56 -9.98 -11.74
N ALA B 102 -8.40 -9.50 -12.65
CA ALA B 102 -8.79 -10.34 -13.78
C ALA B 102 -7.65 -10.49 -14.77
N GLY B 103 -7.01 -9.38 -15.11
CA GLY B 103 -5.76 -9.44 -15.86
C GLY B 103 -5.95 -10.11 -17.21
N ALA B 104 -5.22 -11.20 -17.41
CA ALA B 104 -5.26 -11.90 -18.69
C ALA B 104 -6.58 -12.59 -18.94
N GLY B 105 -7.39 -12.80 -17.90
CA GLY B 105 -8.70 -13.38 -18.09
C GLY B 105 -9.15 -14.22 -16.90
N ILE B 106 -10.39 -14.05 -16.48
CA ILE B 106 -10.94 -14.77 -15.34
C ILE B 106 -12.36 -15.18 -15.65
N LEU B 107 -12.66 -16.48 -15.52
CA LEU B 107 -14.02 -16.97 -15.37
C LEU B 107 -14.35 -17.05 -13.89
N HIS B 108 -15.53 -16.57 -13.51
CA HIS B 108 -15.88 -16.63 -12.11
C HIS B 108 -17.38 -16.38 -11.91
N GLU B 109 -17.85 -16.75 -10.73
CA GLU B 109 -19.24 -16.62 -10.31
C GLU B 109 -19.29 -15.92 -8.96
N GLU B 110 -20.39 -15.20 -8.71
CA GLU B 110 -20.61 -14.51 -7.44
C GLU B 110 -22.03 -14.78 -6.99
N PHE B 111 -22.18 -15.29 -5.76
CA PHE B 111 -23.49 -15.66 -5.25
C PHE B 111 -23.52 -15.51 -3.74
N HIS B 112 -24.73 -15.53 -3.19
CA HIS B 112 -24.89 -15.45 -1.75
C HIS B 112 -24.29 -16.67 -1.09
N SER B 113 -23.70 -16.47 0.09
CA SER B 113 -23.07 -17.55 0.83
C SER B 113 -24.07 -18.65 1.15
N ASP B 114 -23.53 -19.85 1.39
CA ASP B 114 -24.36 -20.95 1.86
C ASP B 114 -24.99 -20.62 3.21
N ALA B 115 -24.25 -19.92 4.07
CA ALA B 115 -24.81 -19.52 5.36
C ALA B 115 -25.84 -18.42 5.20
N PHE B 116 -25.66 -17.51 4.23
CA PHE B 116 -26.63 -16.43 4.06
C PHE B 116 -27.94 -16.95 3.47
N ALA B 117 -27.87 -17.96 2.60
CA ALA B 117 -29.10 -18.54 2.06
C ALA B 117 -29.92 -19.20 3.16
N GLN B 118 -29.26 -19.84 4.13
CA GLN B 118 -29.99 -20.52 5.20
C GLN B 118 -30.73 -19.53 6.08
N LYS B 119 -30.10 -18.41 6.41
CA LYS B 119 -30.59 -17.52 7.46
C LYS B 119 -31.23 -16.25 6.93
N GLY B 120 -30.89 -15.82 5.71
CA GLY B 120 -31.42 -14.57 5.23
C GLY B 120 -30.91 -13.39 6.05
N GLY B 121 -31.57 -12.26 5.85
CA GLY B 121 -31.20 -11.03 6.51
C GLY B 121 -30.83 -9.95 5.53
N PRO B 122 -30.27 -8.85 6.03
CA PRO B 122 -29.90 -7.74 5.16
C PRO B 122 -28.69 -8.06 4.30
N PHE B 123 -28.71 -7.49 3.09
CA PHE B 123 -27.63 -7.65 2.12
C PHE B 123 -27.28 -6.27 1.59
N GLU B 124 -26.01 -5.89 1.71
CA GLU B 124 -25.56 -4.60 1.21
C GLU B 124 -24.08 -4.69 0.86
N MSE B 125 -23.75 -4.38 -0.39
CA MSE B 125 -22.38 -4.42 -0.85
C MSE B 125 -22.16 -3.43 -1.98
O MSE B 125 -23.11 -2.92 -2.56
CB MSE B 125 -22.00 -5.80 -1.35
CG MSE B 125 -22.52 -6.07 -2.75
SE MSE B 125 -21.57 -7.49 -3.66
CE MSE B 125 -21.50 -6.64 -5.41
N VAL B 126 -20.90 -3.19 -2.32
CA VAL B 126 -20.52 -2.32 -3.42
C VAL B 126 -19.56 -3.09 -4.32
N GLN B 127 -19.77 -2.99 -5.63
CA GLN B 127 -18.87 -3.54 -6.63
C GLN B 127 -18.21 -2.40 -7.39
N LEU B 128 -16.89 -2.45 -7.49
CA LEU B 128 -16.12 -1.38 -8.10
C LEU B 128 -15.12 -1.98 -9.07
N TRP B 129 -15.08 -1.46 -10.29
CA TRP B 129 -14.09 -1.89 -11.28
C TRP B 129 -12.98 -0.86 -11.38
N VAL B 130 -11.74 -1.35 -11.26
CA VAL B 130 -10.56 -0.51 -11.34
C VAL B 130 -9.81 -0.86 -12.61
N ASN B 131 -9.48 0.14 -13.41
CA ASN B 131 -8.79 -0.10 -14.67
C ASN B 131 -7.33 -0.46 -14.43
N LEU B 132 -6.77 -1.12 -15.41
CA LEU B 132 -5.37 -1.50 -15.38
C LEU B 132 -4.59 -0.70 -16.42
N PRO B 133 -3.38 -0.26 -16.08
CA PRO B 133 -2.49 0.26 -17.11
C PRO B 133 -2.31 -0.76 -18.23
N ALA B 134 -2.11 -0.26 -19.45
CA ALA B 134 -1.96 -1.14 -20.60
C ALA B 134 -0.85 -2.15 -20.39
N LYS B 135 0.22 -1.74 -19.69
CA LYS B 135 1.33 -2.65 -19.44
C LYS B 135 0.94 -3.80 -18.52
N ASP B 136 -0.06 -3.60 -17.67
CA ASP B 136 -0.47 -4.61 -16.70
C ASP B 136 -1.73 -5.37 -17.11
N LYS B 137 -2.32 -5.03 -18.25
CA LYS B 137 -3.64 -5.57 -18.59
C LYS B 137 -3.64 -7.09 -18.71
N MSE B 138 -2.52 -7.69 -19.10
CA MSE B 138 -2.47 -9.14 -19.24
C MSE B 138 -1.69 -9.81 -18.12
O MSE B 138 -1.14 -10.90 -18.31
CB MSE B 138 -1.90 -9.53 -20.59
CG MSE B 138 -2.71 -9.01 -21.76
SE MSE B 138 -4.41 -9.97 -21.91
CE MSE B 138 -3.71 -11.77 -22.14
N THR B 139 -1.67 -9.17 -16.96
CA THR B 139 -1.04 -9.76 -15.79
C THR B 139 -1.80 -11.01 -15.37
N ALA B 140 -1.08 -11.90 -14.69
CA ALA B 140 -1.69 -13.16 -14.26
C ALA B 140 -2.86 -12.88 -13.32
N PRO B 141 -3.97 -13.58 -13.47
CA PRO B 141 -5.08 -13.44 -12.51
C PRO B 141 -4.61 -13.72 -11.09
N GLY B 142 -5.31 -13.12 -10.13
CA GLY B 142 -4.92 -13.23 -8.74
C GLY B 142 -5.95 -12.55 -7.86
N TYR B 143 -5.91 -12.94 -6.58
CA TYR B 143 -6.90 -12.49 -5.61
C TYR B 143 -6.22 -11.89 -4.39
N GLN B 144 -6.88 -10.91 -3.79
CA GLN B 144 -6.51 -10.41 -2.47
C GLN B 144 -7.76 -10.51 -1.61
N ALA B 145 -7.82 -11.52 -0.75
CA ALA B 145 -8.85 -11.59 0.28
C ALA B 145 -8.43 -10.68 1.42
N ILE B 146 -9.15 -9.57 1.59
CA ILE B 146 -8.81 -8.58 2.60
C ILE B 146 -9.86 -8.67 3.70
N ARG B 147 -9.44 -9.12 4.89
CA ARG B 147 -10.36 -9.31 5.99
C ARG B 147 -10.52 -8.04 6.82
N ARG B 148 -11.69 -7.94 7.45
CA ARG B 148 -12.06 -6.78 8.26
C ARG B 148 -10.97 -6.42 9.26
N GLU B 149 -10.19 -7.40 9.70
CA GLU B 149 -9.10 -7.15 10.63
C GLU B 149 -8.05 -6.22 10.03
N ALA B 150 -7.69 -6.46 8.77
CA ALA B 150 -6.53 -5.82 8.15
C ALA B 150 -6.84 -4.49 7.49
N ILE B 151 -8.03 -3.92 7.71
CA ILE B 151 -8.39 -2.62 7.16
C ILE B 151 -8.22 -1.58 8.27
N PRO B 152 -7.24 -0.68 8.17
CA PRO B 152 -7.04 0.31 9.23
C PRO B 152 -8.22 1.25 9.35
N GLN B 153 -8.69 1.45 10.57
CA GLN B 153 -9.73 2.42 10.90
C GLN B 153 -9.09 3.61 11.58
N VAL B 154 -9.23 4.78 10.99
CA VAL B 154 -8.55 5.99 11.44
C VAL B 154 -9.62 6.99 11.86
N ASN B 155 -9.54 7.43 13.10
CA ASN B 155 -10.47 8.45 13.57
C ASN B 155 -10.14 9.80 12.93
N LEU B 156 -11.18 10.48 12.47
CA LEU B 156 -11.03 11.80 11.88
C LEU B 156 -10.77 12.84 12.97
N PRO B 157 -10.20 13.99 12.62
CA PRO B 157 -9.92 15.01 13.63
C PRO B 157 -11.20 15.59 14.21
N ASP B 158 -11.07 16.14 15.42
CA ASP B 158 -12.15 16.81 16.13
C ASP B 158 -13.35 15.89 16.33
N ASP B 159 -13.08 14.59 16.50
CA ASP B 159 -14.11 13.59 16.77
C ASP B 159 -15.16 13.55 15.67
N ALA B 160 -14.72 13.75 14.43
CA ALA B 160 -15.65 13.83 13.30
C ALA B 160 -16.18 12.45 12.91
N GLY B 161 -15.40 11.39 13.10
CA GLY B 161 -15.82 10.07 12.71
C GLY B 161 -14.61 9.17 12.51
N ASN B 162 -14.83 8.10 11.74
N ASN B 162 -14.83 8.10 11.75
CA ASN B 162 -13.80 7.11 11.42
CA ASN B 162 -13.78 7.15 11.42
C ASN B 162 -13.70 6.94 9.92
C ASN B 162 -13.68 6.98 9.92
N LEU B 163 -12.51 6.52 9.47
CA LEU B 163 -12.26 6.29 8.06
C LEU B 163 -11.53 4.96 7.93
N ARG B 164 -12.01 4.11 7.02
CA ARG B 164 -11.36 2.84 6.74
C ARG B 164 -10.52 2.96 5.47
N VAL B 165 -9.24 2.64 5.58
CA VAL B 165 -8.29 2.75 4.47
C VAL B 165 -8.28 1.41 3.76
N ILE B 166 -9.17 1.26 2.78
CA ILE B 166 -9.16 0.05 1.96
C ILE B 166 -7.93 0.06 1.04
N ALA B 167 -7.77 1.13 0.28
CA ALA B 167 -6.61 1.28 -0.60
C ALA B 167 -6.08 2.69 -0.46
N GLY B 168 -4.77 2.85 -0.64
CA GLY B 168 -4.14 4.14 -0.55
C GLY B 168 -3.67 4.48 0.84
N GLU B 169 -3.59 5.77 1.16
CA GLU B 169 -3.04 6.23 2.43
C GLU B 169 -3.89 7.36 2.98
N TYR B 170 -4.17 7.31 4.27
CA TYR B 170 -4.79 8.42 4.99
C TYR B 170 -4.01 8.65 6.28
N ALA B 171 -3.35 9.80 6.39
CA ALA B 171 -2.70 10.24 7.62
C ALA B 171 -1.67 9.23 8.11
N GLY B 172 -0.88 8.68 7.21
CA GLY B 172 0.16 7.74 7.56
C GLY B 172 -0.26 6.28 7.56
N ASN B 173 -1.55 5.97 7.53
CA ASN B 173 -2.04 4.60 7.51
C ASN B 173 -2.24 4.15 6.07
N ILE B 174 -1.66 2.99 5.72
CA ILE B 174 -1.73 2.46 4.36
C ILE B 174 -2.80 1.37 4.31
N GLY B 175 -3.52 1.31 3.19
CA GLY B 175 -4.51 0.29 2.97
C GLY B 175 -3.87 -1.02 2.54
N PRO B 176 -4.55 -2.13 2.81
CA PRO B 176 -3.97 -3.43 2.46
C PRO B 176 -4.06 -3.77 0.98
N ALA B 177 -4.90 -3.08 0.21
CA ALA B 177 -5.09 -3.43 -1.19
C ALA B 177 -3.83 -3.13 -1.99
N LYS B 178 -3.40 -4.09 -2.79
CA LYS B 178 -2.32 -3.88 -3.75
C LYS B 178 -2.93 -3.43 -5.06
N THR B 179 -2.56 -2.24 -5.51
CA THR B 179 -3.05 -1.69 -6.75
C THR B 179 -1.92 -1.57 -7.75
N PHE B 180 -2.29 -1.42 -9.02
CA PHE B 180 -1.32 -1.28 -10.10
C PHE B 180 -1.06 0.18 -10.47
N SER B 181 -1.83 1.11 -9.91
CA SER B 181 -1.66 2.53 -10.12
C SER B 181 -2.07 3.24 -8.83
N PRO B 182 -1.61 4.47 -8.62
CA PRO B 182 -1.91 5.15 -7.35
C PRO B 182 -3.37 5.54 -7.26
N LEU B 183 -3.97 5.27 -6.10
CA LEU B 183 -5.40 5.53 -5.92
C LEU B 183 -5.76 5.35 -4.44
N ASN B 184 -6.89 5.94 -4.08
CA ASN B 184 -7.46 5.83 -2.74
C ASN B 184 -8.87 5.27 -2.83
N VAL B 185 -9.20 4.38 -1.89
CA VAL B 185 -10.56 3.94 -1.67
C VAL B 185 -10.79 4.01 -0.17
N TRP B 186 -11.61 4.96 0.27
CA TRP B 186 -11.85 5.22 1.68
C TRP B 186 -13.33 5.07 1.99
N ASP B 187 -13.64 4.33 3.04
CA ASP B 187 -15.01 4.14 3.51
C ASP B 187 -15.15 5.01 4.77
N ILE B 188 -15.94 6.07 4.67
CA ILE B 188 -15.99 7.13 5.69
C ILE B 188 -17.35 7.12 6.37
N ARG B 189 -17.34 7.17 7.70
CA ARG B 189 -18.54 7.42 8.50
C ARG B 189 -18.37 8.79 9.13
N LEU B 190 -19.14 9.78 8.66
CA LEU B 190 -19.05 11.15 9.14
C LEU B 190 -20.26 11.43 10.02
N THR B 191 -20.01 11.77 11.27
CA THR B 191 -21.07 11.95 12.25
C THR B 191 -21.86 13.22 11.97
N GLN B 192 -23.17 13.17 12.22
CA GLN B 192 -24.04 14.33 12.03
C GLN B 192 -23.51 15.55 12.77
N GLY B 193 -23.40 16.66 12.06
CA GLY B 193 -22.90 17.89 12.61
C GLY B 193 -21.39 18.08 12.49
N LYS B 194 -20.64 16.99 12.41
CA LYS B 194 -19.19 17.08 12.29
C LYS B 194 -18.78 17.19 10.83
N SER B 195 -17.56 17.65 10.61
CA SER B 195 -17.05 17.88 9.27
C SER B 195 -15.60 17.45 9.19
N CYS B 196 -15.07 17.40 7.96
CA CYS B 196 -13.69 17.00 7.75
C CYS B 196 -13.26 17.49 6.38
N GLU B 197 -12.09 18.12 6.31
CA GLU B 197 -11.49 18.51 5.05
C GLU B 197 -10.41 17.51 4.68
N PHE B 198 -10.24 17.28 3.37
CA PHE B 198 -9.29 16.28 2.90
C PHE B 198 -8.34 16.88 1.87
N SER B 199 -7.11 16.40 1.88
CA SER B 199 -6.08 16.81 0.94
C SER B 199 -5.76 15.62 0.05
N LEU B 200 -5.95 15.78 -1.25
CA LEU B 200 -5.68 14.73 -2.22
C LEU B 200 -4.65 15.20 -3.22
N PRO B 201 -3.98 14.29 -3.92
CA PRO B 201 -3.00 14.71 -4.92
C PRO B 201 -3.64 15.55 -6.02
N ALA B 202 -2.92 16.57 -6.45
CA ALA B 202 -3.38 17.41 -7.53
C ALA B 202 -3.44 16.60 -8.82
N GLY B 203 -4.54 16.76 -9.55
CA GLY B 203 -4.74 16.03 -10.78
C GLY B 203 -5.42 14.69 -10.63
N TRP B 204 -5.72 14.25 -9.42
CA TRP B 204 -6.45 13.00 -9.25
C TRP B 204 -7.94 13.23 -9.47
N ASN B 205 -8.54 12.38 -10.30
CA ASN B 205 -9.99 12.33 -10.36
C ASN B 205 -10.53 11.88 -9.01
N THR B 206 -11.65 12.48 -8.60
CA THR B 206 -12.21 12.22 -7.29
C THR B 206 -13.72 12.19 -7.35
N ALA B 207 -14.33 11.22 -6.68
CA ALA B 207 -15.77 11.08 -6.64
C ALA B 207 -16.19 10.69 -5.24
N LEU B 208 -17.32 11.23 -4.81
CA LEU B 208 -17.94 10.84 -3.55
C LEU B 208 -19.25 10.12 -3.86
N ILE B 209 -19.41 8.93 -3.29
CA ILE B 209 -20.61 8.12 -3.48
C ILE B 209 -21.28 7.97 -2.13
N VAL B 210 -22.44 8.59 -1.98
CA VAL B 210 -23.15 8.55 -0.70
C VAL B 210 -24.00 7.29 -0.65
N LEU B 211 -23.76 6.46 0.36
CA LEU B 211 -24.57 5.27 0.57
C LEU B 211 -25.80 5.58 1.42
N HIS B 212 -25.60 6.25 2.56
CA HIS B 212 -26.70 6.67 3.42
C HIS B 212 -26.42 8.08 3.91
N GLY B 213 -27.48 8.77 4.30
CA GLY B 213 -27.35 10.06 4.95
C GLY B 213 -27.49 11.24 4.01
N THR B 214 -26.98 12.38 4.47
CA THR B 214 -27.08 13.65 3.75
C THR B 214 -25.77 14.39 3.91
N LEU B 215 -25.08 14.66 2.80
CA LEU B 215 -23.74 15.21 2.82
C LEU B 215 -23.71 16.55 2.10
N LEU B 216 -23.17 17.57 2.76
CA LEU B 216 -22.92 18.86 2.14
C LEU B 216 -21.45 18.91 1.74
N VAL B 217 -21.19 18.99 0.44
CA VAL B 217 -19.83 18.97 -0.08
C VAL B 217 -19.44 20.39 -0.48
N ASN B 218 -18.31 20.85 0.07
CA ASN B 218 -17.75 22.16 -0.27
C ASN B 218 -18.71 23.30 0.07
N GLY B 219 -19.62 23.06 1.03
CA GLY B 219 -20.55 24.10 1.44
C GLY B 219 -21.59 24.46 0.40
N ASP B 220 -21.81 23.61 -0.60
CA ASP B 220 -22.76 23.95 -1.65
C ASP B 220 -23.64 22.76 -2.02
N ALA B 221 -23.03 21.67 -2.47
CA ALA B 221 -23.80 20.56 -3.02
C ALA B 221 -24.27 19.65 -1.90
N ILE B 222 -25.54 19.27 -1.94
CA ILE B 222 -26.13 18.33 -0.99
C ILE B 222 -26.35 17.00 -1.71
N ALA B 223 -25.79 15.93 -1.16
CA ALA B 223 -25.91 14.60 -1.73
C ALA B 223 -26.49 13.64 -0.70
N ARG B 224 -27.45 12.83 -1.14
CA ARG B 224 -28.07 11.84 -0.26
C ARG B 224 -27.89 10.43 -0.80
N GLU B 225 -28.76 9.49 -0.41
CA GLU B 225 -28.54 8.08 -0.69
C GLU B 225 -28.37 7.82 -2.17
N ALA B 226 -27.36 7.01 -2.51
CA ALA B 226 -27.10 6.53 -3.87
C ALA B 226 -26.85 7.66 -4.86
N GLU B 227 -26.49 8.85 -4.37
CA GLU B 227 -26.14 9.96 -5.22
C GLU B 227 -24.63 10.17 -5.22
N MSE B 228 -24.09 10.53 -6.37
CA MSE B 228 -22.66 10.68 -6.53
C MSE B 228 -22.27 12.09 -6.90
O MSE B 228 -22.99 12.78 -7.62
CB MSE B 228 -22.15 9.71 -7.59
CG MSE B 228 -20.71 9.96 -7.95
SE MSE B 228 -20.20 8.76 -9.33
CE MSE B 228 -20.75 9.80 -10.87
N VAL B 229 -21.13 12.55 -6.38
CA VAL B 229 -20.58 13.86 -6.69
C VAL B 229 -19.24 13.65 -7.38
N LEU B 230 -19.14 14.10 -8.62
CA LEU B 230 -17.89 14.07 -9.36
C LEU B 230 -17.19 15.42 -9.21
N LEU B 231 -15.88 15.38 -8.97
CA LEU B 231 -15.09 16.55 -8.63
C LEU B 231 -14.05 16.82 -9.71
N ASP B 232 -13.69 18.09 -9.84
CA ASP B 232 -12.72 18.49 -10.85
C ASP B 232 -11.32 18.06 -10.41
N PRO B 233 -10.59 17.32 -11.24
CA PRO B 233 -9.25 16.85 -10.83
C PRO B 233 -8.27 17.98 -10.54
N THR B 234 -8.47 19.16 -11.10
CA THR B 234 -7.63 20.31 -10.78
C THR B 234 -7.93 20.80 -9.37
N GLY B 235 -6.91 20.77 -8.52
CA GLY B 235 -7.06 21.14 -7.13
C GLY B 235 -6.65 20.02 -6.20
N THR B 236 -6.55 20.37 -4.92
CA THR B 236 -6.11 19.42 -3.92
C THR B 236 -7.01 19.31 -2.71
N HIS B 237 -7.98 20.21 -2.53
CA HIS B 237 -8.71 20.22 -1.28
C HIS B 237 -10.20 20.01 -1.49
N LEU B 238 -10.86 19.61 -0.39
CA LEU B 238 -12.16 18.99 -0.40
C LEU B 238 -12.76 19.06 0.99
N SER B 239 -14.00 19.50 1.12
CA SER B 239 -14.64 19.58 2.43
C SER B 239 -16.01 18.94 2.37
N ILE B 240 -16.31 18.08 3.33
CA ILE B 240 -17.62 17.46 3.45
C ILE B 240 -18.15 17.74 4.85
N GLU B 241 -19.46 17.83 4.96
CA GLU B 241 -20.13 18.13 6.22
C GLU B 241 -21.43 17.34 6.27
N ALA B 242 -21.68 16.70 7.41
CA ALA B 242 -22.81 15.78 7.55
C ALA B 242 -24.02 16.52 8.08
N ASN B 243 -25.15 16.38 7.36
CA ASN B 243 -26.43 16.87 7.85
C ASN B 243 -27.16 15.80 8.65
N ASN B 244 -27.06 14.55 8.20
CA ASN B 244 -27.41 13.37 8.96
C ASN B 244 -26.15 12.50 9.05
N ASP B 245 -26.19 11.48 9.90
CA ASP B 245 -25.12 10.48 9.88
C ASP B 245 -24.98 9.91 8.48
N THR B 246 -23.75 9.89 7.98
CA THR B 246 -23.48 9.60 6.58
C THR B 246 -22.43 8.51 6.46
N VAL B 247 -22.64 7.62 5.49
CA VAL B 247 -21.65 6.65 5.04
C VAL B 247 -21.37 6.93 3.57
N LEU B 248 -20.10 7.07 3.21
CA LEU B 248 -19.75 7.39 1.84
C LEU B 248 -18.47 6.66 1.44
N LEU B 249 -18.31 6.48 0.14
CA LEU B 249 -17.07 6.02 -0.47
C LEU B 249 -16.42 7.19 -1.18
N LEU B 250 -15.19 7.51 -0.82
CA LEU B 250 -14.39 8.47 -1.56
C LEU B 250 -13.46 7.68 -2.47
N LEU B 251 -13.55 7.95 -3.77
CA LEU B 251 -12.64 7.37 -4.75
C LEU B 251 -11.78 8.49 -5.31
N SER B 252 -10.47 8.29 -5.33
CA SER B 252 -9.55 9.26 -5.89
C SER B 252 -8.37 8.51 -6.49
N GLY B 253 -8.03 8.81 -7.73
CA GLY B 253 -6.98 8.06 -8.40
C GLY B 253 -6.24 8.88 -9.44
N GLU B 254 -4.97 8.54 -9.61
CA GLU B 254 -4.17 9.12 -10.69
C GLU B 254 -4.76 8.69 -12.03
N PRO B 255 -5.08 9.62 -12.93
CA PRO B 255 -5.70 9.25 -14.20
C PRO B 255 -4.81 8.32 -15.02
N ILE B 256 -5.44 7.31 -15.64
CA ILE B 256 -4.77 6.42 -16.57
C ILE B 256 -5.08 6.93 -17.98
N ASP B 257 -4.15 7.68 -18.55
CA ASP B 257 -4.39 8.36 -19.84
C ASP B 257 -3.98 7.45 -20.99
N GLU B 258 -4.91 6.54 -21.32
CA GLU B 258 -4.78 5.56 -22.38
C GLU B 258 -6.16 5.34 -22.95
N PRO B 259 -6.28 4.82 -24.17
CA PRO B 259 -7.61 4.60 -24.74
C PRO B 259 -8.36 3.51 -24.00
N ILE B 260 -9.65 3.74 -23.80
CA ILE B 260 -10.57 2.76 -23.22
C ILE B 260 -11.52 2.30 -24.30
N VAL B 261 -11.47 1.01 -24.62
CA VAL B 261 -12.47 0.39 -25.48
C VAL B 261 -13.04 -0.79 -24.72
N GLY B 262 -14.28 -0.66 -24.29
CA GLY B 262 -14.93 -1.70 -23.50
C GLY B 262 -16.27 -2.09 -24.09
N TYR B 263 -16.60 -3.36 -23.96
CA TYR B 263 -17.88 -3.91 -24.39
C TYR B 263 -18.28 -4.96 -23.35
N GLY B 264 -19.11 -4.54 -22.40
CA GLY B 264 -19.50 -5.43 -21.34
C GLY B 264 -18.34 -5.70 -20.40
N PRO B 265 -18.07 -6.99 -20.15
CA PRO B 265 -17.10 -7.36 -19.13
C PRO B 265 -15.64 -7.37 -19.60
N PHE B 266 -15.35 -6.88 -20.80
CA PHE B 266 -13.98 -6.72 -21.27
C PHE B 266 -13.68 -5.25 -21.43
N VAL B 267 -12.57 -4.81 -20.84
CA VAL B 267 -12.11 -3.43 -20.96
C VAL B 267 -10.65 -3.49 -21.42
N MSE B 268 -10.41 -3.11 -22.67
CA MSE B 268 -9.09 -3.14 -23.28
C MSE B 268 -8.68 -1.73 -23.69
O MSE B 268 -9.18 -0.73 -23.17
CB MSE B 268 -9.09 -4.07 -24.49
CG MSE B 268 -8.99 -5.57 -24.16
SE MSE B 268 -8.21 -6.07 -22.45
CE MSE B 268 -6.33 -6.09 -22.99
N ASN B 269 -7.76 -1.63 -24.66
CA ASN B 269 -7.31 -0.35 -25.15
C ASN B 269 -7.59 -0.10 -26.63
N THR B 270 -7.80 -1.14 -27.43
CA THR B 270 -8.07 -0.98 -28.85
C THR B 270 -9.25 -1.85 -29.27
N GLN B 271 -9.81 -1.53 -30.43
CA GLN B 271 -10.98 -2.23 -30.95
C GLN B 271 -10.67 -3.65 -31.40
N ALA B 272 -9.39 -4.04 -31.45
CA ALA B 272 -9.02 -5.38 -31.89
C ALA B 272 -8.67 -6.31 -30.75
N GLN B 273 -8.16 -5.79 -29.62
CA GLN B 273 -7.89 -6.63 -28.47
C GLN B 273 -9.19 -7.24 -27.93
N ILE B 274 -10.25 -6.45 -27.89
CA ILE B 274 -11.57 -6.97 -27.53
C ILE B 274 -11.94 -8.15 -28.43
N ALA B 275 -11.68 -8.04 -29.73
CA ALA B 275 -11.96 -9.15 -30.63
C ALA B 275 -11.19 -10.40 -30.21
N GLU B 276 -9.89 -10.25 -29.93
CA GLU B 276 -9.10 -11.39 -29.47
C GLU B 276 -9.55 -11.89 -28.10
N ALA B 277 -10.24 -11.04 -27.34
CA ALA B 277 -10.79 -11.50 -26.07
C ALA B 277 -12.01 -12.38 -26.29
N ILE B 278 -12.93 -11.93 -27.15
CA ILE B 278 -14.14 -12.71 -27.40
C ILE B 278 -13.79 -14.01 -28.11
N ALA B 279 -12.78 -13.98 -29.00
CA ALA B 279 -12.37 -15.20 -29.69
C ALA B 279 -11.92 -16.26 -28.68
N ASP B 280 -11.25 -15.85 -27.61
CA ASP B 280 -10.83 -16.79 -26.58
C ASP B 280 -12.03 -17.35 -25.82
N PHE B 281 -12.94 -16.48 -25.40
CA PHE B 281 -14.07 -16.92 -24.60
C PHE B 281 -14.89 -17.98 -25.32
N ASN B 282 -15.41 -17.63 -26.51
CA ASN B 282 -16.21 -18.58 -27.27
C ASN B 282 -15.36 -19.77 -27.73
N GLY B 283 -14.10 -19.51 -28.07
CA GLY B 283 -13.21 -20.58 -28.46
C GLY B 283 -12.72 -21.46 -27.33
N GLY B 284 -13.11 -21.18 -26.10
CA GLY B 284 -12.68 -21.99 -24.97
C GLY B 284 -11.24 -21.80 -24.57
N ARG B 285 -10.59 -20.74 -25.06
CA ARG B 285 -9.18 -20.46 -24.80
C ARG B 285 -9.02 -19.25 -23.89
N PHE B 286 -9.91 -19.12 -22.91
CA PHE B 286 -9.95 -17.93 -22.07
C PHE B 286 -9.54 -18.26 -20.63
MG MG C . 6.66 8.58 6.89
MG MG D . -17.56 -10.72 -11.75
#